data_3G4R
#
_entry.id   3G4R
#
_cell.length_a   93.140
_cell.length_b   43.940
_cell.length_c   83.530
_cell.angle_alpha   90.00
_cell.angle_beta   121.89
_cell.angle_gamma   90.00
#
_symmetry.space_group_name_H-M   'C 1 2 1'
#
loop_
_entity.id
_entity.type
_entity.pdbx_description
1 polymer Globin-1
2 non-polymer 'PROTOPORPHYRIN IX CONTAINING FE'
3 non-polymer 'CARBON MONOXIDE'
4 non-polymer 1,2-DICHLOROETHANE
5 water water
#
_entity_poly.entity_id   1
_entity_poly.type   'polypeptide(L)'
_entity_poly.pdbx_seq_one_letter_code
;PSVYDAAAQLTADVKKDLRDSWKVIGSDKKGNGVALMTTLFADNQETIGYFKRLGDVSQGMANDKLRGHSITLMYALQNF
IDQLDNPDDLVCVVEKFAVNHITRKISAAEFGKINGPIKKVLASKNFGDKYANAWAKLVAVVQAAL
;
_entity_poly.pdbx_strand_id   A,B
#
# COMPACT_ATOMS: atom_id res chain seq x y z
N SER A 2 -18.89 0.83 -15.47
CA SER A 2 -18.12 -0.45 -15.48
C SER A 2 -16.63 -0.18 -15.27
N VAL A 3 -16.04 -0.82 -14.26
CA VAL A 3 -14.63 -0.64 -13.99
C VAL A 3 -13.82 -1.18 -15.17
N TYR A 4 -14.35 -2.21 -15.83
CA TYR A 4 -13.65 -2.80 -16.96
C TYR A 4 -13.66 -1.86 -18.18
N ASP A 5 -14.76 -1.13 -18.38
CA ASP A 5 -14.81 -0.20 -19.50
C ASP A 5 -13.93 1.01 -19.18
N ALA A 6 -13.89 1.37 -17.91
CA ALA A 6 -13.06 2.51 -17.49
C ALA A 6 -11.59 2.19 -17.70
N ALA A 7 -11.20 0.97 -17.33
CA ALA A 7 -9.82 0.54 -17.48
C ALA A 7 -9.41 0.51 -18.96
N ALA A 8 -10.37 0.27 -19.83
CA ALA A 8 -10.11 0.23 -21.27
C ALA A 8 -9.78 1.62 -21.83
N GLN A 9 -10.05 2.65 -21.04
CA GLN A 9 -9.77 4.02 -21.46
C GLN A 9 -8.30 4.37 -21.29
N LEU A 10 -7.55 3.50 -20.60
CA LEU A 10 -6.14 3.75 -20.40
C LEU A 10 -5.38 3.26 -21.62
N THR A 11 -5.35 4.10 -22.65
CA THR A 11 -4.67 3.79 -23.90
C THR A 11 -3.16 3.94 -23.75
N ALA A 12 -2.43 3.59 -24.82
CA ALA A 12 -0.98 3.68 -24.83
C ALA A 12 -0.47 5.05 -24.42
N ASP A 13 -1.06 6.10 -24.99
CA ASP A 13 -0.65 7.47 -24.70
C ASP A 13 -0.91 7.86 -23.25
N VAL A 14 -2.04 7.44 -22.72
CA VAL A 14 -2.40 7.74 -21.33
C VAL A 14 -1.44 7.04 -20.38
N LYS A 15 -1.18 5.76 -20.64
CA LYS A 15 -0.27 5.00 -19.79
C LYS A 15 1.12 5.62 -19.78
N LYS A 16 1.57 6.10 -20.93
CA LYS A 16 2.89 6.72 -21.04
C LYS A 16 2.93 7.98 -20.19
N ASP A 17 1.90 8.82 -20.29
CA ASP A 17 1.88 10.05 -19.51
C ASP A 17 1.84 9.78 -18.01
N LEU A 18 1.14 8.71 -17.62
CA LEU A 18 1.07 8.36 -16.21
C LEU A 18 2.44 7.94 -15.72
N ARG A 19 3.12 7.09 -16.49
CA ARG A 19 4.44 6.61 -16.11
C ARG A 19 5.46 7.73 -16.06
N ASP A 20 5.48 8.57 -17.09
CA ASP A 20 6.44 9.66 -17.16
C ASP A 20 6.31 10.65 -16.01
N SER A 21 5.07 11.00 -15.66
CA SER A 21 4.88 11.94 -14.56
C SER A 21 5.12 11.27 -13.21
N TRP A 22 4.79 9.99 -13.10
CA TRP A 22 5.01 9.28 -11.84
C TRP A 22 6.49 9.13 -11.51
N LYS A 23 7.33 8.99 -12.54
CA LYS A 23 8.76 8.85 -12.31
C LYS A 23 9.26 10.03 -11.48
N VAL A 24 8.70 11.22 -11.74
CA VAL A 24 9.09 12.42 -11.01
C VAL A 24 8.35 12.55 -9.68
N ILE A 25 7.03 12.48 -9.71
CA ILE A 25 6.23 12.63 -8.50
C ILE A 25 6.48 11.53 -7.48
N GLY A 26 6.56 10.29 -7.95
CA GLY A 26 6.78 9.18 -7.06
C GLY A 26 8.16 9.11 -6.43
N SER A 27 9.07 9.99 -6.85
CA SER A 27 10.42 10.02 -6.31
C SER A 27 10.48 10.62 -4.91
N ASP A 28 9.40 11.31 -4.53
CA ASP A 28 9.32 11.90 -3.19
C ASP A 28 7.91 11.65 -2.67
N LYS A 29 7.68 10.42 -2.24
CA LYS A 29 6.37 10.03 -1.74
C LYS A 29 5.92 10.77 -0.50
N LYS A 30 6.84 10.97 0.45
CA LYS A 30 6.50 11.69 1.67
C LYS A 30 6.15 13.15 1.38
N GLY A 31 7.02 13.84 0.66
CA GLY A 31 6.78 15.23 0.33
C GLY A 31 5.54 15.49 -0.51
N ASN A 32 5.41 14.77 -1.62
CA ASN A 32 4.27 14.96 -2.49
C ASN A 32 2.98 14.34 -1.95
N GLY A 33 3.10 13.29 -1.15
CA GLY A 33 1.90 12.68 -0.58
C GLY A 33 1.26 13.64 0.41
N VAL A 34 2.07 14.26 1.25
CA VAL A 34 1.54 15.20 2.23
C VAL A 34 1.01 16.44 1.50
N ALA A 35 1.70 16.84 0.43
CA ALA A 35 1.26 18.01 -0.34
C ALA A 35 -0.12 17.74 -0.94
N LEU A 36 -0.33 16.52 -1.43
CA LEU A 36 -1.60 16.15 -2.02
C LEU A 36 -2.72 16.24 -0.96
N MET A 37 -2.47 15.70 0.22
CA MET A 37 -3.46 15.71 1.28
C MET A 37 -3.77 17.09 1.82
N THR A 38 -2.73 17.88 2.09
CA THR A 38 -2.93 19.22 2.62
C THR A 38 -3.69 20.09 1.62
N THR A 39 -3.47 19.85 0.34
CA THR A 39 -4.15 20.61 -0.70
C THR A 39 -5.63 20.21 -0.70
N LEU A 40 -5.89 18.92 -0.55
CA LEU A 40 -7.27 18.44 -0.52
C LEU A 40 -8.02 19.10 0.63
N PHE A 41 -7.40 19.11 1.81
CA PHE A 41 -8.04 19.70 2.98
C PHE A 41 -8.21 21.21 2.88
N ALA A 42 -7.27 21.87 2.20
CA ALA A 42 -7.34 23.32 2.05
C ALA A 42 -8.39 23.78 1.05
N ASP A 43 -8.51 23.08 -0.07
CA ASP A 43 -9.49 23.46 -1.09
C ASP A 43 -10.85 22.79 -0.94
N ASN A 44 -10.91 21.75 -0.12
CA ASN A 44 -12.17 21.04 0.10
C ASN A 44 -12.34 20.76 1.58
N GLN A 45 -12.47 21.83 2.38
CA GLN A 45 -12.61 21.70 3.82
C GLN A 45 -13.72 20.77 4.29
N GLU A 46 -14.74 20.60 3.46
CA GLU A 46 -15.85 19.74 3.84
C GLU A 46 -15.52 18.25 3.88
N THR A 47 -14.31 17.89 3.48
CA THR A 47 -13.90 16.49 3.50
C THR A 47 -13.09 16.14 4.74
N ILE A 48 -12.65 17.16 5.47
CA ILE A 48 -11.85 16.93 6.67
C ILE A 48 -12.53 16.03 7.70
N GLY A 49 -13.83 16.13 7.83
CA GLY A 49 -14.56 15.31 8.79
C GLY A 49 -14.32 13.81 8.65
N TYR A 50 -14.14 13.35 7.42
CA TYR A 50 -13.91 11.94 7.15
C TYR A 50 -12.59 11.43 7.72
N PHE A 51 -11.65 12.34 7.91
CA PHE A 51 -10.31 11.99 8.39
C PHE A 51 -10.08 12.19 9.89
N LYS A 52 -11.15 12.05 10.67
CA LYS A 52 -11.09 12.22 12.12
C LYS A 52 -9.99 11.41 12.81
N ARG A 53 -9.69 10.23 12.30
CA ARG A 53 -8.66 9.38 12.91
C ARG A 53 -7.27 10.00 12.87
N LEU A 54 -7.00 10.83 11.87
CA LEU A 54 -5.68 11.44 11.72
C LEU A 54 -5.41 12.60 12.67
N GLY A 55 -6.44 13.06 13.38
CA GLY A 55 -6.25 14.16 14.31
C GLY A 55 -6.26 15.51 13.63
N ASP A 56 -5.40 16.41 14.09
CA ASP A 56 -5.32 17.76 13.54
C ASP A 56 -4.49 17.79 12.25
N VAL A 57 -5.18 17.67 11.11
CA VAL A 57 -4.52 17.65 9.82
C VAL A 57 -3.85 18.96 9.40
N SER A 58 -4.19 20.05 10.07
CA SER A 58 -3.59 21.33 9.73
C SER A 58 -2.12 21.38 10.13
N GLN A 59 -1.68 20.39 10.91
CA GLN A 59 -0.29 20.32 11.35
C GLN A 59 0.61 19.82 10.22
N GLY A 60 -0.01 19.30 9.17
CA GLY A 60 0.75 18.81 8.03
C GLY A 60 1.78 17.74 8.31
N MET A 61 3.01 18.00 7.84
CA MET A 61 4.12 17.06 8.00
C MET A 61 4.42 16.70 9.46
N ALA A 62 4.09 17.61 10.37
CA ALA A 62 4.34 17.41 11.80
C ALA A 62 3.43 16.36 12.42
N ASN A 63 2.32 16.07 11.76
CA ASN A 63 1.36 15.09 12.24
C ASN A 63 1.80 13.68 11.79
N ASP A 64 2.23 12.87 12.74
CA ASP A 64 2.70 11.51 12.41
C ASP A 64 1.66 10.64 11.72
N LYS A 65 0.41 10.70 12.16
CA LYS A 65 -0.62 9.88 11.54
C LYS A 65 -0.87 10.32 10.11
N LEU A 66 -0.84 11.63 9.86
CA LEU A 66 -1.04 12.14 8.52
C LEU A 66 0.12 11.75 7.62
N ARG A 67 1.35 11.79 8.15
CA ARG A 67 2.50 11.44 7.34
C ARG A 67 2.46 9.95 6.99
N GLY A 68 2.12 9.11 7.96
CA GLY A 68 2.05 7.67 7.71
C GLY A 68 0.98 7.37 6.68
N HIS A 69 -0.15 8.05 6.79
CA HIS A 69 -1.25 7.87 5.86
C HIS A 69 -0.86 8.32 4.45
N SER A 70 -0.23 9.49 4.37
CA SER A 70 0.17 10.06 3.09
C SER A 70 1.19 9.24 2.33
N ILE A 71 2.19 8.73 3.05
CA ILE A 71 3.20 7.89 2.41
C ILE A 71 2.52 6.64 1.86
N THR A 72 1.67 6.02 2.68
CA THR A 72 0.96 4.81 2.26
C THR A 72 0.07 5.05 1.05
N LEU A 73 -0.57 6.21 0.98
CA LEU A 73 -1.42 6.52 -0.16
C LEU A 73 -0.58 6.52 -1.45
N MET A 74 0.64 7.02 -1.37
CA MET A 74 1.50 7.06 -2.55
C MET A 74 1.87 5.65 -3.02
N TYR A 75 1.91 4.70 -2.09
CA TYR A 75 2.21 3.33 -2.48
C TYR A 75 1.00 2.69 -3.14
N ALA A 76 -0.19 3.25 -2.91
CA ALA A 76 -1.37 2.72 -3.57
C ALA A 76 -1.28 3.14 -5.03
N LEU A 77 -0.82 4.37 -5.27
CA LEU A 77 -0.68 4.85 -6.64
C LEU A 77 0.45 4.10 -7.34
N GLN A 78 1.51 3.78 -6.60
CA GLN A 78 2.64 3.04 -7.16
C GLN A 78 2.11 1.68 -7.62
N ASN A 79 1.23 1.11 -6.80
CA ASN A 79 0.60 -0.18 -7.08
C ASN A 79 -0.16 -0.06 -8.42
N PHE A 80 -1.02 0.94 -8.55
CA PHE A 80 -1.77 1.12 -9.79
C PHE A 80 -0.88 1.22 -11.02
N ILE A 81 0.17 2.04 -10.94
CA ILE A 81 1.09 2.22 -12.05
C ILE A 81 1.75 0.91 -12.45
N ASP A 82 2.16 0.12 -11.46
CA ASP A 82 2.81 -1.15 -11.74
C ASP A 82 1.86 -2.17 -12.39
N GLN A 83 0.55 -2.00 -12.22
CA GLN A 83 -0.41 -2.94 -12.79
C GLN A 83 -0.96 -2.50 -14.15
N LEU A 84 -0.49 -1.40 -14.69
CA LEU A 84 -1.00 -0.92 -15.97
C LEU A 84 -0.88 -1.90 -17.13
N ASP A 85 0.12 -2.79 -17.07
CA ASP A 85 0.31 -3.76 -18.14
C ASP A 85 -0.77 -4.85 -18.20
N ASN A 86 -1.37 -5.15 -17.05
CA ASN A 86 -2.40 -6.19 -16.97
C ASN A 86 -3.72 -5.67 -16.41
N PRO A 87 -4.72 -5.46 -17.28
CA PRO A 87 -6.03 -4.97 -16.86
C PRO A 87 -6.71 -5.75 -15.73
N ASP A 88 -6.58 -7.07 -15.76
CA ASP A 88 -7.21 -7.90 -14.73
C ASP A 88 -6.59 -7.64 -13.36
N ASP A 89 -5.29 -7.42 -13.31
CA ASP A 89 -4.63 -7.14 -12.04
C ASP A 89 -4.90 -5.72 -11.58
N LEU A 90 -5.01 -4.79 -12.53
CA LEU A 90 -5.29 -3.42 -12.15
C LEU A 90 -6.68 -3.36 -11.52
N VAL A 91 -7.63 -4.04 -12.14
CA VAL A 91 -8.99 -4.06 -11.63
C VAL A 91 -9.08 -4.67 -10.23
N CYS A 92 -8.40 -5.78 -9.97
CA CYS A 92 -8.52 -6.37 -8.64
C CYS A 92 -7.90 -5.52 -7.53
N VAL A 93 -6.87 -4.73 -7.83
CA VAL A 93 -6.28 -3.89 -6.79
C VAL A 93 -7.15 -2.63 -6.63
N VAL A 94 -7.71 -2.14 -7.73
CA VAL A 94 -8.60 -0.98 -7.63
C VAL A 94 -9.81 -1.35 -6.80
N GLU A 95 -10.35 -2.55 -7.02
CA GLU A 95 -11.52 -2.96 -6.24
C GLU A 95 -11.18 -3.12 -4.76
N LYS A 96 -9.94 -3.50 -4.46
CA LYS A 96 -9.52 -3.65 -3.06
C LYS A 96 -9.55 -2.27 -2.39
N PHE A 97 -8.97 -1.26 -3.04
CA PHE A 97 -8.96 0.07 -2.45
C PHE A 97 -10.34 0.71 -2.46
N ALA A 98 -11.18 0.33 -3.42
CA ALA A 98 -12.53 0.88 -3.47
C ALA A 98 -13.28 0.48 -2.20
N VAL A 99 -13.09 -0.75 -1.76
CA VAL A 99 -13.74 -1.24 -0.55
C VAL A 99 -13.32 -0.41 0.67
N ASN A 100 -12.05 -0.06 0.73
CA ASN A 100 -11.53 0.76 1.84
C ASN A 100 -12.28 2.07 1.91
N HIS A 101 -12.73 2.58 0.76
CA HIS A 101 -13.45 3.84 0.73
C HIS A 101 -14.95 3.68 0.84
N ILE A 102 -15.49 2.58 0.32
CA ILE A 102 -16.93 2.36 0.41
C ILE A 102 -17.30 2.23 1.89
N THR A 103 -16.45 1.57 2.66
CA THR A 103 -16.69 1.39 4.09
C THR A 103 -16.64 2.71 4.85
N ARG A 104 -16.00 3.72 4.26
CA ARG A 104 -15.89 5.04 4.86
C ARG A 104 -16.97 5.97 4.32
N LYS A 105 -17.89 5.40 3.55
CA LYS A 105 -19.00 6.17 2.97
C LYS A 105 -18.56 7.22 1.95
N ILE A 106 -17.52 6.91 1.18
CA ILE A 106 -17.02 7.84 0.17
C ILE A 106 -17.61 7.49 -1.19
N SER A 107 -18.34 8.44 -1.78
CA SER A 107 -18.97 8.24 -3.08
C SER A 107 -18.01 8.52 -4.23
N ALA A 108 -18.42 8.16 -5.44
CA ALA A 108 -17.60 8.41 -6.62
C ALA A 108 -17.40 9.91 -6.80
N ALA A 109 -18.45 10.68 -6.51
CA ALA A 109 -18.35 12.13 -6.66
C ALA A 109 -17.36 12.75 -5.68
N GLU A 110 -17.37 12.29 -4.43
CA GLU A 110 -16.45 12.85 -3.47
C GLU A 110 -15.02 12.38 -3.70
N PHE A 111 -14.87 11.15 -4.18
CA PHE A 111 -13.53 10.64 -4.45
C PHE A 111 -12.91 11.52 -5.55
N GLY A 112 -13.76 11.93 -6.49
CA GLY A 112 -13.32 12.77 -7.59
C GLY A 112 -12.78 14.13 -7.19
N LYS A 113 -13.02 14.53 -5.94
CA LYS A 113 -12.53 15.82 -5.47
C LYS A 113 -10.99 15.83 -5.43
N ILE A 114 -10.39 14.66 -5.56
CA ILE A 114 -8.93 14.55 -5.54
C ILE A 114 -8.30 15.07 -6.83
N ASN A 115 -9.09 15.19 -7.89
CA ASN A 115 -8.58 15.66 -9.18
C ASN A 115 -8.01 17.08 -9.10
N GLY A 116 -8.65 17.94 -8.31
CA GLY A 116 -8.16 19.30 -8.17
C GLY A 116 -6.77 19.31 -7.58
N PRO A 117 -6.57 18.65 -6.43
CA PRO A 117 -5.27 18.58 -5.77
C PRO A 117 -4.19 17.95 -6.68
N ILE A 118 -4.57 16.90 -7.42
CA ILE A 118 -3.62 16.26 -8.31
C ILE A 118 -3.12 17.24 -9.37
N LYS A 119 -4.04 18.02 -9.94
CA LYS A 119 -3.66 18.99 -10.96
C LYS A 119 -2.69 20.02 -10.37
N LYS A 120 -2.96 20.46 -9.15
CA LYS A 120 -2.09 21.45 -8.51
C LYS A 120 -0.71 20.90 -8.20
N VAL A 121 -0.64 19.66 -7.72
CA VAL A 121 0.66 19.07 -7.41
C VAL A 121 1.44 18.86 -8.70
N LEU A 122 0.77 18.40 -9.75
CA LEU A 122 1.44 18.20 -11.04
C LEU A 122 1.97 19.54 -11.57
N ALA A 123 1.13 20.57 -11.52
CA ALA A 123 1.50 21.90 -12.01
C ALA A 123 2.73 22.46 -11.31
N SER A 124 2.87 22.18 -10.02
CA SER A 124 4.01 22.69 -9.27
C SER A 124 5.31 22.02 -9.72
N LYS A 125 5.18 20.91 -10.45
CA LYS A 125 6.34 20.18 -10.95
C LYS A 125 6.47 20.37 -12.46
N ASN A 126 5.74 21.34 -12.99
CA ASN A 126 5.76 21.67 -14.41
C ASN A 126 5.10 20.64 -15.32
N PHE A 127 4.06 19.96 -14.81
CA PHE A 127 3.31 19.00 -15.60
C PHE A 127 1.93 19.65 -15.75
N GLY A 128 1.56 19.97 -17.00
CA GLY A 128 0.29 20.63 -17.26
C GLY A 128 -0.97 19.80 -17.37
N ASP A 129 -1.99 20.41 -17.95
CA ASP A 129 -3.29 19.78 -18.13
C ASP A 129 -3.27 18.40 -18.78
N LYS A 130 -2.35 18.20 -19.72
CA LYS A 130 -2.23 16.92 -20.41
C LYS A 130 -2.07 15.79 -19.39
N TYR A 131 -1.19 16.02 -18.43
CA TYR A 131 -0.92 15.02 -17.39
C TYR A 131 -2.05 14.93 -16.37
N ALA A 132 -2.65 16.07 -16.05
CA ALA A 132 -3.75 16.09 -15.09
C ALA A 132 -4.91 15.26 -15.65
N ASN A 133 -5.13 15.36 -16.95
CA ASN A 133 -6.21 14.63 -17.59
C ASN A 133 -5.93 13.12 -17.60
N ALA A 134 -4.66 12.75 -17.76
CA ALA A 134 -4.31 11.34 -17.77
C ALA A 134 -4.59 10.76 -16.39
N TRP A 135 -4.22 11.50 -15.34
CA TRP A 135 -4.47 11.03 -14.00
C TRP A 135 -5.95 10.98 -13.68
N ALA A 136 -6.72 11.88 -14.29
CA ALA A 136 -8.16 11.89 -14.06
C ALA A 136 -8.76 10.60 -14.60
N LYS A 137 -8.17 10.07 -15.68
CA LYS A 137 -8.67 8.82 -16.25
C LYS A 137 -8.37 7.64 -15.33
N LEU A 138 -7.26 7.68 -14.62
CA LEU A 138 -6.94 6.59 -13.71
C LEU A 138 -7.88 6.68 -12.51
N VAL A 139 -8.10 7.89 -12.02
CA VAL A 139 -9.00 8.12 -10.90
C VAL A 139 -10.40 7.65 -11.26
N ALA A 140 -10.76 7.79 -12.54
CA ALA A 140 -12.08 7.38 -13.01
C ALA A 140 -12.29 5.87 -12.91
N VAL A 141 -11.20 5.11 -12.92
CA VAL A 141 -11.31 3.66 -12.80
C VAL A 141 -11.74 3.35 -11.36
N VAL A 142 -11.20 4.08 -10.40
CA VAL A 142 -11.59 3.86 -9.01
C VAL A 142 -13.05 4.31 -8.83
N GLN A 143 -13.40 5.44 -9.43
CA GLN A 143 -14.76 5.94 -9.31
C GLN A 143 -15.79 4.94 -9.81
N ALA A 144 -15.44 4.21 -10.87
CA ALA A 144 -16.36 3.23 -11.44
C ALA A 144 -16.63 2.08 -10.48
N ALA A 145 -15.73 1.90 -9.51
CA ALA A 145 -15.87 0.82 -8.54
C ALA A 145 -16.53 1.24 -7.24
N LEU A 146 -16.84 2.53 -7.10
CA LEU A 146 -17.47 3.01 -5.87
C LEU A 146 -18.99 3.06 -5.95
N SER B 2 9.56 0.50 22.98
CA SER B 2 8.62 1.20 22.05
C SER B 2 8.84 0.71 20.62
N VAL B 3 7.99 1.15 19.71
CA VAL B 3 8.12 0.78 18.31
C VAL B 3 9.40 1.40 17.77
N TYR B 4 9.67 2.64 18.20
CA TYR B 4 10.88 3.34 17.77
C TYR B 4 12.12 2.54 18.18
N ASP B 5 12.12 2.04 19.42
CA ASP B 5 13.25 1.26 19.91
C ASP B 5 13.50 0.04 19.04
N ALA B 6 12.41 -0.65 18.68
CA ALA B 6 12.51 -1.84 17.85
C ALA B 6 13.00 -1.50 16.44
N ALA B 7 12.65 -0.31 15.95
CA ALA B 7 13.06 0.12 14.62
C ALA B 7 14.52 0.58 14.62
N ALA B 8 14.87 1.40 15.60
CA ALA B 8 16.22 1.92 15.72
C ALA B 8 17.25 0.83 15.95
N GLN B 9 16.80 -0.36 16.34
CA GLN B 9 17.72 -1.45 16.60
C GLN B 9 18.15 -2.18 15.33
N LEU B 10 17.37 -2.05 14.26
CA LEU B 10 17.70 -2.70 12.99
C LEU B 10 19.08 -2.22 12.54
N THR B 11 20.05 -3.14 12.52
CA THR B 11 21.42 -2.80 12.16
C THR B 11 21.70 -2.79 10.66
N ALA B 12 22.85 -2.26 10.29
CA ALA B 12 23.25 -2.18 8.89
C ALA B 12 23.25 -3.54 8.21
N ASP B 13 23.68 -4.57 8.94
CA ASP B 13 23.71 -5.91 8.37
C ASP B 13 22.31 -6.45 8.14
N VAL B 14 21.42 -6.21 9.09
CA VAL B 14 20.04 -6.68 8.97
C VAL B 14 19.37 -5.95 7.80
N LYS B 15 19.57 -4.65 7.69
CA LYS B 15 18.97 -3.90 6.61
C LYS B 15 19.48 -4.39 5.26
N LYS B 16 20.76 -4.77 5.20
CA LYS B 16 21.34 -5.29 3.96
C LYS B 16 20.69 -6.61 3.58
N ASP B 17 20.50 -7.50 4.55
CA ASP B 17 19.88 -8.78 4.27
C ASP B 17 18.42 -8.59 3.85
N LEU B 18 17.74 -7.63 4.46
CA LEU B 18 16.36 -7.36 4.10
C LEU B 18 16.27 -6.86 2.66
N ARG B 19 17.15 -5.91 2.32
CA ARG B 19 17.12 -5.35 0.98
C ARG B 19 17.54 -6.35 -0.09
N ASP B 20 18.55 -7.16 0.19
CA ASP B 20 19.00 -8.14 -0.80
C ASP B 20 17.94 -9.19 -1.10
N SER B 21 17.25 -9.67 -0.07
CA SER B 21 16.22 -10.66 -0.29
C SER B 21 14.97 -10.05 -0.92
N TRP B 22 14.66 -8.81 -0.56
CA TRP B 22 13.49 -8.14 -1.14
C TRP B 22 13.69 -7.86 -2.63
N LYS B 23 14.93 -7.60 -3.05
CA LYS B 23 15.22 -7.34 -4.45
C LYS B 23 14.69 -8.49 -5.30
N VAL B 24 14.80 -9.70 -4.77
CA VAL B 24 14.35 -10.89 -5.48
C VAL B 24 12.87 -11.19 -5.24
N ILE B 25 12.48 -11.35 -3.98
CA ILE B 25 11.09 -11.66 -3.66
C ILE B 25 10.14 -10.55 -4.11
N GLY B 26 10.53 -9.31 -3.89
CA GLY B 26 9.69 -8.19 -4.27
C GLY B 26 9.58 -7.94 -5.76
N SER B 27 10.35 -8.67 -6.56
CA SER B 27 10.32 -8.51 -8.02
C SER B 27 9.14 -9.24 -8.65
N ASP B 28 8.45 -10.06 -7.85
CA ASP B 28 7.26 -10.77 -8.32
C ASP B 28 6.25 -10.69 -7.18
N LYS B 29 5.65 -9.52 -7.04
CA LYS B 29 4.70 -9.29 -5.97
C LYS B 29 3.45 -10.15 -6.04
N LYS B 30 2.91 -10.34 -7.24
CA LYS B 30 1.71 -11.16 -7.40
C LYS B 30 1.98 -12.63 -7.06
N GLY B 31 3.03 -13.18 -7.67
CA GLY B 31 3.36 -14.57 -7.43
C GLY B 31 3.75 -14.90 -6.00
N ASN B 32 4.65 -14.10 -5.43
CA ASN B 32 5.09 -14.36 -4.07
C ASN B 32 4.11 -13.88 -3.00
N GLY B 33 3.28 -12.90 -3.36
CA GLY B 33 2.30 -12.41 -2.40
C GLY B 33 1.25 -13.49 -2.19
N VAL B 34 0.78 -14.08 -3.28
CA VAL B 34 -0.24 -15.13 -3.20
C VAL B 34 0.35 -16.38 -2.56
N ALA B 35 1.63 -16.65 -2.83
CA ALA B 35 2.28 -17.82 -2.24
C ALA B 35 2.35 -17.65 -0.72
N LEU B 36 2.67 -16.42 -0.28
CA LEU B 36 2.76 -16.14 1.15
C LEU B 36 1.41 -16.40 1.83
N MET B 37 0.34 -15.88 1.24
CA MET B 37 -1.00 -16.05 1.79
C MET B 37 -1.49 -17.49 1.78
N THR B 38 -1.28 -18.19 0.67
CA THR B 38 -1.73 -19.58 0.58
C THR B 38 -0.97 -20.45 1.58
N THR B 39 0.30 -20.12 1.82
CA THR B 39 1.08 -20.89 2.78
C THR B 39 0.58 -20.63 4.19
N LEU B 40 0.17 -19.39 4.47
CA LEU B 40 -0.37 -19.06 5.79
C LEU B 40 -1.62 -19.89 6.03
N PHE B 41 -2.49 -19.96 5.03
CA PHE B 41 -3.74 -20.70 5.16
C PHE B 41 -3.53 -22.21 5.26
N ALA B 42 -2.53 -22.71 4.55
CA ALA B 42 -2.26 -24.15 4.58
C ALA B 42 -1.69 -24.63 5.91
N ASP B 43 -0.78 -23.83 6.48
CA ASP B 43 -0.14 -24.19 7.74
C ASP B 43 -0.81 -23.69 9.00
N ASN B 44 -1.66 -22.67 8.86
CA ASN B 44 -2.40 -22.11 9.99
C ASN B 44 -3.85 -21.96 9.58
N GLN B 45 -4.52 -23.10 9.43
CA GLN B 45 -5.91 -23.12 9.03
C GLN B 45 -6.84 -22.33 9.94
N GLU B 46 -6.44 -22.13 11.18
CA GLU B 46 -7.27 -21.39 12.14
C GLU B 46 -7.40 -19.91 11.78
N THR B 47 -6.57 -19.43 10.86
CA THR B 47 -6.63 -18.03 10.46
C THR B 47 -7.56 -17.78 9.29
N ILE B 48 -7.99 -18.85 8.62
CA ILE B 48 -8.87 -18.70 7.47
C ILE B 48 -10.11 -17.86 7.75
N GLY B 49 -10.75 -18.10 8.90
CA GLY B 49 -11.95 -17.35 9.24
C GLY B 49 -11.82 -15.85 9.24
N TYR B 50 -10.63 -15.34 9.56
CA TYR B 50 -10.40 -13.90 9.60
C TYR B 50 -10.51 -13.26 8.23
N PHE B 51 -10.30 -14.05 7.19
CA PHE B 51 -10.31 -13.54 5.82
C PHE B 51 -11.58 -13.84 5.03
N LYS B 52 -12.71 -13.90 5.71
CA LYS B 52 -13.97 -14.19 5.05
C LYS B 52 -14.33 -13.23 3.92
N ARG B 53 -13.84 -11.98 3.99
CA ARG B 53 -14.14 -11.02 2.94
C ARG B 53 -13.58 -11.45 1.59
N LEU B 54 -12.49 -12.22 1.62
CA LEU B 54 -11.84 -12.67 0.39
C LEU B 54 -12.51 -13.83 -0.32
N GLY B 55 -13.53 -14.42 0.31
CA GLY B 55 -14.21 -15.53 -0.30
C GLY B 55 -13.45 -16.84 -0.14
N ASP B 56 -13.52 -17.71 -1.14
CA ASP B 56 -12.84 -19.00 -1.09
C ASP B 56 -11.36 -18.86 -1.39
N VAL B 57 -10.55 -18.78 -0.34
CA VAL B 57 -9.11 -18.61 -0.50
C VAL B 57 -8.38 -19.82 -1.08
N SER B 58 -9.07 -20.96 -1.17
CA SER B 58 -8.44 -22.14 -1.73
C SER B 58 -8.37 -22.03 -3.26
N GLN B 59 -9.02 -21.00 -3.80
CA GLN B 59 -9.04 -20.77 -5.25
C GLN B 59 -7.71 -20.17 -5.71
N GLY B 60 -6.91 -19.72 -4.75
CA GLY B 60 -5.61 -19.15 -5.06
C GLY B 60 -5.60 -17.96 -6.01
N MET B 61 -4.71 -18.01 -6.99
CA MET B 61 -4.54 -16.95 -7.98
C MET B 61 -5.83 -16.57 -8.71
N ALA B 62 -6.72 -17.54 -8.90
CA ALA B 62 -7.97 -17.32 -9.61
C ALA B 62 -8.94 -16.41 -8.84
N ASN B 63 -8.78 -16.37 -7.52
CA ASN B 63 -9.63 -15.55 -6.67
C ASN B 63 -9.14 -14.10 -6.80
N ASP B 64 -9.93 -13.26 -7.46
CA ASP B 64 -9.55 -11.87 -7.67
C ASP B 64 -9.39 -11.08 -6.37
N LYS B 65 -10.23 -11.36 -5.39
CA LYS B 65 -10.14 -10.66 -4.11
C LYS B 65 -8.85 -11.03 -3.37
N LEU B 66 -8.48 -12.31 -3.44
CA LEU B 66 -7.25 -12.75 -2.78
C LEU B 66 -6.03 -12.17 -3.52
N ARG B 67 -6.11 -12.14 -4.84
CA ARG B 67 -5.01 -11.61 -5.64
C ARG B 67 -4.81 -10.13 -5.34
N GLY B 68 -5.90 -9.38 -5.29
CA GLY B 68 -5.81 -7.96 -5.01
C GLY B 68 -5.24 -7.69 -3.62
N HIS B 69 -5.64 -8.50 -2.67
CA HIS B 69 -5.17 -8.38 -1.29
C HIS B 69 -3.69 -8.72 -1.21
N SER B 70 -3.29 -9.81 -1.86
CA SER B 70 -1.90 -10.26 -1.83
C SER B 70 -0.93 -9.28 -2.47
N ILE B 71 -1.31 -8.70 -3.60
CA ILE B 71 -0.45 -7.72 -4.27
C ILE B 71 -0.29 -6.51 -3.34
N THR B 72 -1.40 -6.06 -2.77
CA THR B 72 -1.37 -4.90 -1.89
C THR B 72 -0.52 -5.15 -0.64
N LEU B 73 -0.57 -6.37 -0.12
CA LEU B 73 0.22 -6.70 1.06
C LEU B 73 1.71 -6.53 0.73
N MET B 74 2.11 -6.90 -0.48
CA MET B 74 3.49 -6.78 -0.87
C MET B 74 3.95 -5.32 -0.97
N TYR B 75 3.00 -4.40 -1.21
CA TYR B 75 3.39 -2.99 -1.27
C TYR B 75 3.52 -2.41 0.13
N ALA B 76 2.92 -3.06 1.13
CA ALA B 76 3.06 -2.62 2.51
C ALA B 76 4.51 -2.96 2.87
N LEU B 77 4.96 -4.14 2.44
CA LEU B 77 6.33 -4.53 2.71
C LEU B 77 7.31 -3.66 1.93
N GLN B 78 6.94 -3.28 0.71
CA GLN B 78 7.79 -2.41 -0.09
C GLN B 78 7.98 -1.09 0.65
N ASN B 79 6.88 -0.62 1.24
CA ASN B 79 6.84 0.62 2.00
C ASN B 79 7.83 0.51 3.18
N PHE B 80 7.74 -0.58 3.94
CA PHE B 80 8.64 -0.79 5.06
C PHE B 80 10.10 -0.76 4.62
N ILE B 81 10.41 -1.53 3.58
CA ILE B 81 11.78 -1.60 3.07
C ILE B 81 12.30 -0.22 2.66
N ASP B 82 11.46 0.58 2.01
CA ASP B 82 11.90 1.90 1.58
C ASP B 82 12.12 2.88 2.72
N GLN B 83 11.53 2.63 3.89
CA GLN B 83 11.69 3.52 5.02
C GLN B 83 12.76 3.06 6.03
N LEU B 84 13.48 2.00 5.71
CA LEU B 84 14.48 1.47 6.64
C LEU B 84 15.54 2.44 7.18
N ASP B 85 15.95 3.41 6.37
CA ASP B 85 16.97 4.35 6.82
C ASP B 85 16.47 5.55 7.62
N ASN B 86 15.15 5.64 7.81
CA ASN B 86 14.59 6.73 8.59
C ASN B 86 13.57 6.15 9.57
N PRO B 87 14.03 5.77 10.77
CA PRO B 87 13.17 5.20 11.80
C PRO B 87 11.89 5.98 12.05
N ASP B 88 11.96 7.31 11.98
CA ASP B 88 10.78 8.12 12.21
C ASP B 88 9.71 7.82 11.16
N ASP B 89 10.12 7.66 9.91
CA ASP B 89 9.18 7.36 8.85
C ASP B 89 8.72 5.91 8.95
N LEU B 90 9.65 5.01 9.27
CA LEU B 90 9.28 3.61 9.41
C LEU B 90 8.22 3.46 10.50
N VAL B 91 8.43 4.12 11.64
CA VAL B 91 7.48 4.02 12.73
C VAL B 91 6.08 4.50 12.36
N CYS B 92 5.97 5.64 11.67
CA CYS B 92 4.64 6.12 11.34
C CYS B 92 3.90 5.24 10.32
N VAL B 93 4.62 4.54 9.45
CA VAL B 93 3.94 3.67 8.50
C VAL B 93 3.59 2.35 9.18
N VAL B 94 4.47 1.89 10.08
CA VAL B 94 4.20 0.66 10.82
C VAL B 94 2.97 0.85 11.71
N GLU B 95 2.86 2.01 12.35
CA GLU B 95 1.70 2.27 13.19
C GLU B 95 0.42 2.32 12.38
N LYS B 96 0.51 2.82 11.15
CA LYS B 96 -0.67 2.89 10.29
C LYS B 96 -1.18 1.47 10.02
N PHE B 97 -0.28 0.59 9.62
CA PHE B 97 -0.67 -0.79 9.34
C PHE B 97 -1.05 -1.56 10.60
N ALA B 98 -0.52 -1.15 11.74
CA ALA B 98 -0.85 -1.82 13.00
C ALA B 98 -2.35 -1.59 13.27
N VAL B 99 -2.81 -0.37 13.04
CA VAL B 99 -4.21 -0.04 13.26
C VAL B 99 -5.12 -0.92 12.40
N ASN B 100 -4.71 -1.17 11.17
CA ASN B 100 -5.47 -2.02 10.25
C ASN B 100 -5.66 -3.40 10.85
N HIS B 101 -4.71 -3.85 11.66
CA HIS B 101 -4.82 -5.18 12.25
C HIS B 101 -5.44 -5.17 13.64
N ILE B 102 -5.23 -4.09 14.38
CA ILE B 102 -5.81 -3.95 15.71
C ILE B 102 -7.33 -3.94 15.58
N THR B 103 -7.84 -3.28 14.54
CA THR B 103 -9.29 -3.21 14.34
C THR B 103 -9.88 -4.58 14.04
N ARG B 104 -9.06 -5.51 13.56
CA ARG B 104 -9.54 -6.86 13.26
C ARG B 104 -9.21 -7.82 14.41
N LYS B 105 -8.77 -7.25 15.53
CA LYS B 105 -8.44 -8.03 16.73
C LYS B 105 -7.30 -9.01 16.54
N ILE B 106 -6.29 -8.61 15.76
CA ILE B 106 -5.14 -9.47 15.54
C ILE B 106 -4.08 -9.12 16.59
N SER B 107 -3.75 -10.08 17.45
CA SER B 107 -2.78 -9.88 18.50
C SER B 107 -1.35 -9.95 17.97
N ALA B 108 -0.40 -9.50 18.80
CA ALA B 108 1.00 -9.53 18.42
C ALA B 108 1.43 -10.97 18.16
N ALA B 109 0.95 -11.90 18.99
CA ALA B 109 1.31 -13.31 18.82
C ALA B 109 0.75 -13.86 17.51
N GLU B 110 -0.49 -13.52 17.19
CA GLU B 110 -1.11 -14.00 15.95
C GLU B 110 -0.42 -13.41 14.72
N PHE B 111 0.00 -12.16 14.82
CA PHE B 111 0.68 -11.52 13.70
C PHE B 111 1.99 -12.26 13.42
N GLY B 112 2.63 -12.74 14.48
CA GLY B 112 3.88 -13.47 14.34
C GLY B 112 3.76 -14.79 13.59
N LYS B 113 2.52 -15.25 13.37
CA LYS B 113 2.32 -16.50 12.65
C LYS B 113 2.82 -16.38 11.21
N ILE B 114 3.03 -15.15 10.74
CA ILE B 114 3.48 -14.92 9.38
C ILE B 114 4.94 -15.31 9.19
N ASN B 115 5.69 -15.48 10.28
CA ASN B 115 7.10 -15.85 10.18
C ASN B 115 7.34 -17.21 9.54
N GLY B 116 6.45 -18.16 9.77
CA GLY B 116 6.62 -19.47 9.16
C GLY B 116 6.53 -19.36 7.64
N PRO B 117 5.44 -18.77 7.13
CA PRO B 117 5.27 -18.62 5.68
C PRO B 117 6.43 -17.81 5.08
N ILE B 118 6.89 -16.78 5.79
CA ILE B 118 7.99 -15.97 5.30
C ILE B 118 9.23 -16.84 5.13
N LYS B 119 9.53 -17.68 6.11
CA LYS B 119 10.70 -18.54 6.02
C LYS B 119 10.59 -19.47 4.80
N LYS B 120 9.40 -19.99 4.54
CA LYS B 120 9.22 -20.90 3.40
C LYS B 120 9.32 -20.19 2.05
N VAL B 121 8.78 -18.99 1.95
CA VAL B 121 8.85 -18.26 0.69
C VAL B 121 10.30 -17.88 0.42
N LEU B 122 11.01 -17.49 1.47
CA LEU B 122 12.43 -17.14 1.33
C LEU B 122 13.22 -18.35 0.85
N ALA B 123 12.94 -19.51 1.43
CA ALA B 123 13.63 -20.74 1.08
C ALA B 123 13.40 -21.16 -0.37
N SER B 124 12.25 -20.80 -0.93
CA SER B 124 11.95 -21.15 -2.31
C SER B 124 12.92 -20.46 -3.28
N LYS B 125 13.54 -19.38 -2.82
CA LYS B 125 14.50 -18.63 -3.61
C LYS B 125 15.91 -18.79 -3.05
N ASN B 126 16.08 -19.79 -2.20
CA ASN B 126 17.36 -20.11 -1.58
C ASN B 126 17.92 -19.12 -0.56
N PHE B 127 17.05 -18.38 0.11
CA PHE B 127 17.47 -17.46 1.15
C PHE B 127 17.28 -18.23 2.44
N GLY B 128 18.38 -18.48 3.14
CA GLY B 128 18.35 -19.26 4.37
C GLY B 128 17.93 -18.62 5.67
N ASP B 129 18.25 -19.29 6.78
CA ASP B 129 17.89 -18.84 8.11
C ASP B 129 18.32 -17.43 8.47
N LYS B 130 19.48 -17.00 8.00
CA LYS B 130 19.97 -15.65 8.31
C LYS B 130 18.96 -14.62 7.80
N TYR B 131 18.41 -14.87 6.62
CA TYR B 131 17.43 -13.98 6.03
C TYR B 131 16.09 -14.07 6.74
N ALA B 132 15.70 -15.28 7.13
CA ALA B 132 14.44 -15.46 7.83
C ALA B 132 14.52 -14.71 9.16
N ASN B 133 15.69 -14.75 9.80
CA ASN B 133 15.89 -14.06 11.07
C ASN B 133 15.80 -12.54 10.87
N ALA B 134 16.32 -12.06 9.75
CA ALA B 134 16.28 -10.63 9.46
C ALA B 134 14.82 -10.20 9.33
N TRP B 135 14.04 -10.98 8.59
CA TRP B 135 12.64 -10.64 8.42
C TRP B 135 11.86 -10.73 9.73
N ALA B 136 12.24 -11.66 10.60
CA ALA B 136 11.54 -11.79 11.88
C ALA B 136 11.76 -10.51 12.71
N LYS B 137 12.92 -9.89 12.54
CA LYS B 137 13.20 -8.65 13.26
C LYS B 137 12.31 -7.53 12.75
N LEU B 138 12.03 -7.53 11.45
CA LEU B 138 11.18 -6.47 10.90
C LEU B 138 9.73 -6.71 11.37
N VAL B 139 9.32 -7.97 11.38
CA VAL B 139 7.98 -8.31 11.82
C VAL B 139 7.84 -7.89 13.29
N ALA B 140 8.92 -8.03 14.05
CA ALA B 140 8.92 -7.68 15.46
C ALA B 140 8.67 -6.19 15.68
N VAL B 141 8.99 -5.37 14.69
CA VAL B 141 8.75 -3.94 14.80
C VAL B 141 7.24 -3.71 14.79
N VAL B 142 6.53 -4.46 13.94
CA VAL B 142 5.09 -4.33 13.87
C VAL B 142 4.48 -4.90 15.16
N GLN B 143 5.04 -5.99 15.66
CA GLN B 143 4.53 -6.60 16.89
C GLN B 143 4.64 -5.63 18.07
N ALA B 144 5.63 -4.74 18.02
CA ALA B 144 5.81 -3.77 19.10
C ALA B 144 4.64 -2.79 19.13
N ALA B 145 3.93 -2.69 18.02
CA ALA B 145 2.79 -1.78 17.93
C ALA B 145 1.44 -2.46 18.13
N LEU B 146 1.47 -3.77 18.37
CA LEU B 146 0.23 -4.54 18.57
C LEU B 146 0.03 -4.96 20.03
#